data_7BJU
#
_entry.id   7BJU
#
_cell.length_a   147.875
_cell.length_b   147.875
_cell.length_c   59.776
_cell.angle_alpha   90.000
_cell.angle_beta   90.000
_cell.angle_gamma   120.000
#
_symmetry.space_group_name_H-M   'P 3 2 1'
#
loop_
_entity.id
_entity.type
_entity.pdbx_description
1 polymer 'Ultraspiracle Protein'
2 polymer 'Ecdysone Receptor'
3 non-polymer L-ALPHA-PHOSPHATIDYL-BETA-OLEOYL-GAMMA-PALMITOYL-PHOSPHATIDYLETHANOLAMINE
4 non-polymer DI(HYDROXYETHYL)ETHER
5 non-polymer N-[2-(2-chlorophenyl)-4-methyl-5-(1-methylethyl)-1H-imidazol-1-yl]-5-methyl-2,3-dihydro-1,4-benzodioxine-6-carboxamide
6 non-polymer 3,6,9,12,15,18,21-HEPTAOXATRICOSANE-1,23-DIOL
7 non-polymer 'TRIETHYLENE GLYCOL'
8 non-polymer 'MAGNESIUM ION'
9 water water
#
loop_
_entity_poly.entity_id
_entity_poly.type
_entity_poly.pdbx_seq_one_letter_code
_entity_poly.pdbx_strand_id
1 'polypeptide(L)'
;MVQELSIERLLEMESLVADPSEEFQFLRVGPDSNVPPKFRAPVSSLCQIGNKQIAALVVWARDIPHFSQLEMEDQILLIK
GSWNELLLFAIAWRSMEFLTEERDGVDGTGNRTTSPPQLMCLMPGMTLHRNSALQAGVGQIFDRVLSELSLKMRTLRVDQ
AEYVALKAIILLNPDVKGLKNRQEVEVLREKMFLCLDEYCRRSRSSEEGRFAALLLRLPALRSISLKSFEHLFFFHLVAD
TSIAGYIRDALRNHAPPIDTNMM
;
A
2 'polypeptide(L)'
;GSHMASMTGGQQMGRDPLKNVPPLTANQKSLIARLVYYQEGYEQPSEEDLKRVTQTWQSDEDDEDSDMPFRQITEMTILT
VQLIVEFAKGLPGFSKISQSDQITLLKACSSEVMMLRVARRYDAATDSVLFANNQAYTRDNYRKAGMAYVIEDLLHFCRC
MYSMMMDNVHYALLTAIVIFSDRPGLEQPSLVEEIQRYYLNTLRVYILNQNSASPRSAVIFGKILGILTEIRTLGMQNSN
MCISLKLKNRKLPPFLEEIWDVADVA
;
D
#
# COMPACT_ATOMS: atom_id res chain seq x y z
N VAL A 2 2.43 -12.64 22.31
CA VAL A 2 2.69 -11.35 21.67
C VAL A 2 2.90 -10.28 22.73
N GLN A 3 3.00 -10.71 23.99
CA GLN A 3 3.15 -9.75 25.08
C GLN A 3 4.51 -9.07 25.07
N GLU A 4 5.54 -9.76 24.57
CA GLU A 4 6.87 -9.15 24.49
C GLU A 4 6.96 -8.12 23.38
N LEU A 5 6.12 -8.22 22.36
CA LEU A 5 6.13 -7.26 21.26
C LEU A 5 5.56 -5.93 21.75
N SER A 6 6.39 -4.89 21.73
CA SER A 6 5.98 -3.57 22.21
C SER A 6 6.80 -2.52 21.50
N ILE A 7 6.29 -1.28 21.53
CA ILE A 7 7.02 -0.15 20.94
C ILE A 7 8.32 0.09 21.70
N GLU A 8 8.33 -0.18 23.01
CA GLU A 8 9.53 0.04 23.81
C GLU A 8 10.65 -0.91 23.41
N ARG A 9 10.32 -2.18 23.16
CA ARG A 9 11.32 -3.14 22.71
C ARG A 9 11.83 -2.79 21.32
N LEU A 10 10.93 -2.39 20.43
CA LEU A 10 11.35 -1.98 19.09
C LEU A 10 12.23 -0.74 19.13
N LEU A 11 12.05 0.11 20.14
CA LEU A 11 12.89 1.30 20.27
C LEU A 11 14.31 0.93 20.68
N GLU A 12 14.46 0.01 21.64
CA GLU A 12 15.79 -0.42 22.04
C GLU A 12 16.46 -1.32 21.01
N MET A 13 15.67 -1.99 20.15
CA MET A 13 16.26 -2.72 19.03
C MET A 13 16.86 -1.78 18.00
N GLU A 14 16.28 -0.59 17.85
CA GLU A 14 16.76 0.34 16.83
C GLU A 14 18.19 0.79 17.10
N SER A 15 18.61 0.82 18.36
CA SER A 15 19.98 1.19 18.69
C SER A 15 20.99 0.10 18.36
N LEU A 16 20.55 -1.16 18.29
CA LEU A 16 21.47 -2.26 18.01
C LEU A 16 22.06 -2.13 16.62
N VAL A 17 23.36 -2.35 16.50
CA VAL A 17 24.10 -2.21 15.25
C VAL A 17 24.45 -3.60 14.73
N ALA A 18 24.16 -3.84 13.46
CA ALA A 18 24.48 -5.13 12.86
C ALA A 18 26.00 -5.27 12.69
N ASP A 19 26.50 -6.47 12.99
CA ASP A 19 27.91 -6.79 12.85
C ASP A 19 28.33 -6.68 11.39
N PRO A 20 29.66 -6.69 11.09
CA PRO A 20 30.11 -6.65 9.68
C PRO A 20 29.30 -7.56 8.78
N SER A 21 28.52 -6.93 7.90
CA SER A 21 27.50 -7.64 7.14
C SER A 21 28.12 -8.63 6.16
N GLU A 22 27.85 -9.91 6.37
CA GLU A 22 28.11 -10.91 5.34
C GLU A 22 27.37 -10.51 4.07
N GLU A 23 28.13 -10.19 3.02
CA GLU A 23 27.56 -9.56 1.84
C GLU A 23 26.64 -10.52 1.09
N PHE A 24 25.38 -10.15 0.95
CA PHE A 24 24.44 -10.81 0.06
C PHE A 24 24.08 -9.84 -1.05
N GLN A 25 24.24 -10.27 -2.30
CA GLN A 25 24.08 -9.38 -3.45
C GLN A 25 22.63 -9.41 -3.94
N PHE A 26 21.74 -8.84 -3.11
CA PHE A 26 20.38 -8.59 -3.55
C PHE A 26 20.38 -7.66 -4.76
N LEU A 27 21.11 -6.54 -4.66
CA LEU A 27 21.22 -5.56 -5.72
C LEU A 27 22.65 -5.58 -6.26
N ARG A 28 22.77 -5.59 -7.58
CA ARG A 28 24.07 -5.60 -8.23
C ARG A 28 23.90 -5.20 -9.69
N VAL A 29 24.98 -4.71 -10.27
CA VAL A 29 25.00 -4.32 -11.68
C VAL A 29 25.29 -5.58 -12.50
N GLY A 30 24.29 -6.03 -13.27
CA GLY A 30 24.38 -7.26 -14.01
C GLY A 30 25.47 -7.25 -15.06
N PRO A 31 25.74 -8.42 -15.65
CA PRO A 31 26.78 -8.48 -16.70
C PRO A 31 26.43 -7.68 -17.93
N ASP A 32 25.23 -7.86 -18.47
CA ASP A 32 24.71 -7.04 -19.55
C ASP A 32 23.62 -6.14 -18.95
N SER A 33 23.96 -4.88 -18.74
CA SER A 33 23.06 -3.92 -18.12
C SER A 33 22.98 -2.66 -18.97
N ASN A 34 21.76 -2.13 -19.11
CA ASN A 34 21.58 -0.88 -19.85
C ASN A 34 22.07 0.35 -19.09
N VAL A 35 22.68 0.17 -17.93
CA VAL A 35 23.34 1.30 -17.25
C VAL A 35 24.57 1.70 -18.04
N PRO A 36 24.73 2.98 -18.41
CA PRO A 36 25.88 3.37 -19.21
C PRO A 36 27.17 3.08 -18.47
N PRO A 37 28.24 2.75 -19.20
CA PRO A 37 29.47 2.31 -18.54
C PRO A 37 30.08 3.35 -17.62
N LYS A 38 29.93 4.63 -17.93
CA LYS A 38 30.46 5.70 -17.11
C LYS A 38 29.78 5.82 -15.76
N PHE A 39 28.65 5.13 -15.56
CA PHE A 39 27.92 5.20 -14.30
C PHE A 39 27.77 3.84 -13.63
N ARG A 40 28.35 2.78 -14.17
CA ARG A 40 28.17 1.45 -13.57
C ARG A 40 28.86 1.36 -12.22
N ALA A 41 30.04 1.96 -12.08
CA ALA A 41 30.72 1.94 -10.79
C ALA A 41 29.95 2.72 -9.72
N PRO A 42 29.48 3.96 -9.95
CA PRO A 42 28.66 4.61 -8.92
C PRO A 42 27.39 3.83 -8.59
N VAL A 43 26.69 3.32 -9.61
CA VAL A 43 25.48 2.55 -9.37
C VAL A 43 25.80 1.28 -8.58
N SER A 44 26.93 0.64 -8.89
CA SER A 44 27.33 -0.56 -8.16
C SER A 44 27.58 -0.25 -6.69
N SER A 45 28.22 0.88 -6.40
CA SER A 45 28.47 1.26 -5.01
C SER A 45 27.15 1.50 -4.27
N LEU A 46 26.17 2.08 -4.95
CA LEU A 46 24.86 2.28 -4.33
C LEU A 46 24.18 0.94 -4.05
N CYS A 47 24.36 -0.04 -4.96
CA CYS A 47 23.84 -1.38 -4.71
C CYS A 47 24.51 -2.02 -3.50
N GLN A 48 25.83 -1.89 -3.40
CA GLN A 48 26.56 -2.40 -2.23
CA GLN A 48 26.55 -2.41 -2.23
C GLN A 48 26.08 -1.74 -0.96
N ILE A 49 25.67 -0.47 -1.03
CA ILE A 49 25.15 0.22 0.15
C ILE A 49 23.78 -0.32 0.51
N GLY A 50 22.91 -0.50 -0.49
CA GLY A 50 21.61 -1.09 -0.22
C GLY A 50 21.70 -2.49 0.36
N ASN A 51 22.63 -3.29 -0.17
CA ASN A 51 22.80 -4.67 0.32
C ASN A 51 23.13 -4.70 1.81
N LYS A 52 24.03 -3.81 2.25
CA LYS A 52 24.34 -3.74 3.68
C LYS A 52 23.10 -3.37 4.49
N GLN A 53 22.29 -2.44 3.98
CA GLN A 53 21.10 -2.03 4.71
C GLN A 53 20.05 -3.13 4.74
N ILE A 54 19.95 -3.92 3.66
CA ILE A 54 19.06 -5.07 3.67
C ILE A 54 19.53 -6.09 4.70
N ALA A 55 20.84 -6.33 4.75
CA ALA A 55 21.38 -7.28 5.72
C ALA A 55 21.10 -6.83 7.15
N ALA A 56 21.25 -5.54 7.43
CA ALA A 56 20.89 -5.01 8.75
C ALA A 56 19.38 -5.12 8.98
N LEU A 57 18.59 -5.10 7.91
CA LEU A 57 17.14 -5.24 8.03
C LEU A 57 16.74 -6.68 8.36
N VAL A 58 17.40 -7.65 7.73
CA VAL A 58 17.14 -9.05 8.04
C VAL A 58 17.46 -9.35 9.49
N VAL A 59 18.60 -8.86 9.98
CA VAL A 59 18.97 -9.08 11.38
C VAL A 59 18.02 -8.35 12.31
N TRP A 60 17.49 -7.20 11.89
CA TRP A 60 16.49 -6.50 12.69
C TRP A 60 15.21 -7.30 12.80
N ALA A 61 14.69 -7.79 11.68
CA ALA A 61 13.44 -8.55 11.69
C ALA A 61 13.57 -9.83 12.50
N ARG A 62 14.76 -10.45 12.48
CA ARG A 62 14.95 -11.74 13.14
C ARG A 62 14.69 -11.65 14.64
N ASP A 63 15.26 -10.65 15.29
CA ASP A 63 15.13 -10.49 16.74
C ASP A 63 13.86 -9.76 17.15
N ILE A 64 12.95 -9.47 16.21
CA ILE A 64 11.67 -8.89 16.60
C ILE A 64 10.90 -9.90 17.46
N PRO A 65 10.28 -9.48 18.56
CA PRO A 65 9.60 -10.44 19.43
C PRO A 65 8.58 -11.30 18.68
N HIS A 66 8.70 -12.62 18.86
CA HIS A 66 7.82 -13.64 18.29
C HIS A 66 7.97 -13.80 16.79
N PHE A 67 8.88 -13.07 16.14
CA PHE A 67 9.09 -13.26 14.71
C PHE A 67 9.79 -14.58 14.43
N SER A 68 10.86 -14.87 15.18
CA SER A 68 11.62 -16.10 14.95
C SER A 68 10.83 -17.35 15.30
N GLN A 69 9.74 -17.21 16.06
CA GLN A 69 8.87 -18.35 16.32
C GLN A 69 7.92 -18.64 15.17
N LEU A 70 7.85 -17.76 14.17
CA LEU A 70 7.10 -18.05 12.96
C LEU A 70 7.76 -19.19 12.19
N GLU A 71 7.02 -19.75 11.24
CA GLU A 71 7.61 -20.73 10.34
C GLU A 71 8.68 -20.07 9.49
N MET A 72 9.78 -20.81 9.24
CA MET A 72 10.92 -20.23 8.54
C MET A 72 10.54 -19.76 7.14
N GLU A 73 9.67 -20.50 6.46
CA GLU A 73 9.21 -20.07 5.15
C GLU A 73 8.39 -18.78 5.24
N ASP A 74 7.63 -18.60 6.32
CA ASP A 74 6.89 -17.35 6.49
C ASP A 74 7.84 -16.19 6.77
N GLN A 75 8.90 -16.43 7.54
CA GLN A 75 9.87 -15.38 7.82
C GLN A 75 10.53 -14.86 6.55
N ILE A 76 10.83 -15.78 5.62
CA ILE A 76 11.47 -15.38 4.37
C ILE A 76 10.52 -14.55 3.53
N LEU A 77 9.26 -14.99 3.42
CA LEU A 77 8.29 -14.28 2.59
C LEU A 77 8.02 -12.89 3.12
N LEU A 78 7.95 -12.72 4.44
CA LEU A 78 7.68 -11.41 5.01
C LEU A 78 8.80 -10.42 4.72
N ILE A 79 10.05 -10.86 4.86
CA ILE A 79 11.18 -9.99 4.54
C ILE A 79 11.29 -9.78 3.03
N LYS A 80 10.98 -10.82 2.25
CA LYS A 80 11.06 -10.70 0.80
C LYS A 80 10.07 -9.66 0.27
N GLY A 81 8.88 -9.60 0.87
CA GLY A 81 7.86 -8.70 0.36
C GLY A 81 7.93 -7.28 0.87
N SER A 82 8.74 -7.00 1.90
CA SER A 82 8.74 -5.69 2.53
C SER A 82 10.11 -5.03 2.63
N TRP A 83 11.18 -5.66 2.15
CA TRP A 83 12.51 -5.08 2.31
C TRP A 83 12.64 -3.77 1.54
N ASN A 84 11.99 -3.68 0.37
CA ASN A 84 12.08 -2.46 -0.43
C ASN A 84 11.39 -1.29 0.25
N GLU A 85 10.16 -1.50 0.73
CA GLU A 85 9.43 -0.44 1.39
C GLU A 85 10.15 0.03 2.65
N LEU A 86 10.78 -0.90 3.37
CA LEU A 86 11.50 -0.53 4.59
C LEU A 86 12.74 0.29 4.27
N LEU A 87 13.43 -0.04 3.17
CA LEU A 87 14.57 0.78 2.74
C LEU A 87 14.13 2.20 2.41
N LEU A 88 13.05 2.34 1.64
CA LEU A 88 12.54 3.67 1.30
C LEU A 88 12.03 4.40 2.53
N PHE A 89 11.35 3.69 3.44
CA PHE A 89 10.85 4.32 4.66
C PHE A 89 12.00 4.84 5.51
N ALA A 90 13.09 4.06 5.62
CA ALA A 90 14.25 4.53 6.35
C ALA A 90 14.93 5.68 5.64
N ILE A 91 14.99 5.63 4.30
CA ILE A 91 15.52 6.75 3.54
C ILE A 91 14.73 8.02 3.81
N ALA A 92 13.40 7.90 3.79
CA ALA A 92 12.54 9.06 4.03
C ALA A 92 12.70 9.57 5.46
N TRP A 93 12.83 8.66 6.43
CA TRP A 93 13.04 9.06 7.81
C TRP A 93 14.36 9.81 7.95
N ARG A 94 15.43 9.30 7.33
CA ARG A 94 16.73 9.92 7.43
C ARG A 94 16.78 11.25 6.69
N SER A 95 15.99 11.41 5.63
CA SER A 95 16.04 12.60 4.81
C SER A 95 15.37 13.82 5.44
N MET A 96 14.67 13.65 6.57
CA MET A 96 13.95 14.77 7.17
C MET A 96 14.91 15.84 7.68
N GLU A 97 16.11 15.45 8.13
CA GLU A 97 17.07 16.44 8.61
C GLU A 97 17.50 17.37 7.49
N PHE A 98 17.61 16.85 6.27
CA PHE A 98 18.07 17.62 5.13
C PHE A 98 16.95 18.39 4.44
N LEU A 99 15.76 18.44 5.04
CA LEU A 99 14.71 19.32 4.59
C LEU A 99 15.00 20.74 5.06
N THR A 100 14.43 21.71 4.33
CA THR A 100 14.66 23.12 4.63
C THR A 100 14.18 23.50 6.03
N ARG A 112 21.07 23.09 5.76
CA ARG A 112 20.17 21.98 5.46
C ARG A 112 18.87 22.45 4.86
N THR A 114 10.16 28.83 -3.54
CA THR A 114 9.28 27.79 -4.04
C THR A 114 10.06 26.68 -4.73
N SER A 115 10.85 25.94 -3.96
CA SER A 115 11.68 24.88 -4.50
C SER A 115 11.44 23.58 -3.73
N PRO A 116 11.55 22.44 -4.40
CA PRO A 116 11.37 21.15 -3.73
C PRO A 116 12.61 20.78 -2.95
N PRO A 117 12.51 19.80 -2.04
CA PRO A 117 13.71 19.35 -1.32
C PRO A 117 14.74 18.78 -2.28
N GLN A 118 16.02 19.05 -2.00
CA GLN A 118 17.09 18.76 -2.93
C GLN A 118 17.99 17.61 -2.53
N LEU A 119 17.95 17.17 -1.27
CA LEU A 119 18.86 16.14 -0.79
C LEU A 119 18.10 14.96 -0.21
N MET A 120 18.56 13.76 -0.54
CA MET A 120 18.01 12.51 -0.03
C MET A 120 19.13 11.72 0.64
N CYS A 121 18.92 11.32 1.89
CA CYS A 121 19.94 10.66 2.69
C CYS A 121 19.82 9.15 2.51
N LEU A 122 20.65 8.60 1.62
CA LEU A 122 20.64 7.15 1.41
C LEU A 122 21.27 6.40 2.58
N MET A 123 22.22 7.03 3.27
CA MET A 123 22.86 6.45 4.45
C MET A 123 23.46 7.60 5.24
N PRO A 124 23.75 7.39 6.55
CA PRO A 124 24.24 8.49 7.39
C PRO A 124 25.33 9.34 6.77
N GLY A 125 26.25 8.72 6.03
CA GLY A 125 27.39 9.42 5.51
C GLY A 125 27.33 9.81 4.05
N MET A 126 26.13 9.98 3.50
CA MET A 126 26.02 10.35 2.10
C MET A 126 24.60 10.79 1.79
N THR A 127 24.47 11.68 0.81
CA THR A 127 23.18 12.17 0.35
C THR A 127 23.12 12.10 -1.18
N LEU A 128 21.90 11.97 -1.68
CA LEU A 128 21.63 11.95 -3.11
C LEU A 128 21.04 13.30 -3.49
N HIS A 129 21.67 13.98 -4.45
CA HIS A 129 21.17 15.28 -4.88
C HIS A 129 20.14 15.11 -6.00
N ARG A 130 19.15 16.00 -6.00
CA ARG A 130 18.03 15.88 -6.93
C ARG A 130 18.51 15.92 -8.38
N ASN A 131 19.61 16.62 -8.66
CA ASN A 131 20.14 16.67 -10.02
C ASN A 131 20.65 15.30 -10.46
N SER A 132 21.26 14.55 -9.54
CA SER A 132 21.69 13.19 -9.87
C SER A 132 20.50 12.28 -10.13
N ALA A 133 19.38 12.53 -9.46
CA ALA A 133 18.16 11.77 -9.76
C ALA A 133 17.55 12.17 -11.09
N LEU A 134 17.67 13.45 -11.46
CA LEU A 134 17.15 13.89 -12.76
C LEU A 134 17.95 13.26 -13.90
N GLN A 135 19.28 13.23 -13.77
CA GLN A 135 20.12 12.61 -14.79
C GLN A 135 19.81 11.13 -14.93
N ALA A 136 19.46 10.46 -13.83
CA ALA A 136 19.09 9.05 -13.87
C ALA A 136 17.66 8.83 -14.34
N GLY A 137 16.90 9.90 -14.56
CA GLY A 137 15.52 9.74 -14.99
C GLY A 137 14.58 9.29 -13.90
N VAL A 138 14.98 9.43 -12.64
CA VAL A 138 14.16 8.99 -11.52
C VAL A 138 13.75 10.19 -10.68
N GLY A 139 13.54 11.33 -11.34
CA GLY A 139 13.22 12.55 -10.59
C GLY A 139 11.86 12.48 -9.91
N GLN A 140 10.87 11.90 -10.59
CA GLN A 140 9.52 11.85 -10.03
C GLN A 140 9.47 11.06 -8.73
N ILE A 141 10.07 9.86 -8.73
CA ILE A 141 10.07 9.06 -7.52
C ILE A 141 10.95 9.69 -6.45
N PHE A 142 12.02 10.38 -6.86
CA PHE A 142 12.84 11.13 -5.91
C PHE A 142 12.00 12.16 -5.15
N ASP A 143 11.16 12.90 -5.88
CA ASP A 143 10.33 13.92 -5.25
C ASP A 143 9.22 13.30 -4.40
N ARG A 144 8.66 12.16 -4.82
CA ARG A 144 7.60 11.53 -4.05
C ARG A 144 8.09 11.08 -2.68
N VAL A 145 9.31 10.54 -2.62
CA VAL A 145 9.88 10.13 -1.33
C VAL A 145 10.00 11.32 -0.40
N LEU A 146 10.50 12.45 -0.91
CA LEU A 146 10.77 13.59 -0.06
C LEU A 146 9.50 14.36 0.33
N SER A 147 8.48 14.34 -0.52
CA SER A 147 7.25 15.07 -0.21
C SER A 147 6.21 14.17 0.45
N GLU A 148 5.87 13.05 -0.19
CA GLU A 148 4.80 12.20 0.34
C GLU A 148 5.22 11.50 1.64
N LEU A 149 6.52 11.32 1.86
CA LEU A 149 7.01 10.62 3.03
C LEU A 149 7.80 11.51 3.97
N SER A 150 8.94 12.05 3.52
CA SER A 150 9.80 12.84 4.40
C SER A 150 9.08 14.08 4.90
N LEU A 151 8.61 14.93 3.98
CA LEU A 151 7.96 16.17 4.38
C LEU A 151 6.67 15.91 5.15
N LYS A 152 5.92 14.88 4.76
CA LYS A 152 4.67 14.58 5.45
C LYS A 152 4.92 14.10 6.87
N MET A 153 5.98 13.32 7.08
CA MET A 153 6.29 12.84 8.43
C MET A 153 6.78 13.96 9.32
N ARG A 154 7.53 14.93 8.76
CA ARG A 154 7.93 16.08 9.55
C ARG A 154 6.74 16.95 9.91
N THR A 155 5.88 17.23 8.93
CA THR A 155 4.65 17.96 9.20
C THR A 155 3.79 17.22 10.22
N LEU A 156 3.70 15.90 10.08
CA LEU A 156 2.96 15.09 11.05
C LEU A 156 3.66 14.99 12.40
N ARG A 157 4.89 15.50 12.53
CA ARG A 157 5.65 15.43 13.77
C ARG A 157 5.81 13.99 14.23
N VAL A 158 6.09 13.10 13.29
CA VAL A 158 6.26 11.69 13.59
C VAL A 158 7.51 11.51 14.44
N ASP A 159 7.35 10.90 15.61
CA ASP A 159 8.47 10.60 16.48
C ASP A 159 8.99 9.19 16.26
N GLN A 160 10.10 8.86 16.93
CA GLN A 160 10.76 7.58 16.71
C GLN A 160 9.88 6.41 17.14
N ALA A 161 9.04 6.61 18.17
CA ALA A 161 8.17 5.53 18.62
C ALA A 161 7.19 5.13 17.53
N GLU A 162 6.62 6.12 16.83
CA GLU A 162 5.70 5.82 15.74
C GLU A 162 6.45 5.25 14.53
N TYR A 163 7.71 5.65 14.33
CA TYR A 163 8.48 5.13 13.21
C TYR A 163 8.72 3.64 13.35
N VAL A 164 9.21 3.20 14.51
CA VAL A 164 9.50 1.79 14.71
C VAL A 164 8.21 0.97 14.69
N ALA A 165 7.10 1.55 15.14
CA ALA A 165 5.82 0.83 15.10
C ALA A 165 5.37 0.63 13.67
N LEU A 166 5.53 1.65 12.82
CA LEU A 166 5.13 1.52 11.43
C LEU A 166 6.01 0.52 10.69
N LYS A 167 7.31 0.47 11.02
CA LYS A 167 8.20 -0.52 10.42
C LYS A 167 7.72 -1.93 10.72
N ALA A 168 7.34 -2.19 11.97
CA ALA A 168 6.80 -3.50 12.33
C ALA A 168 5.51 -3.78 11.59
N ILE A 169 4.65 -2.78 11.45
CA ILE A 169 3.38 -2.96 10.73
C ILE A 169 3.63 -3.24 9.26
N ILE A 170 4.66 -2.60 8.68
CA ILE A 170 5.02 -2.89 7.29
C ILE A 170 5.50 -4.32 7.13
N LEU A 171 6.36 -4.78 8.05
CA LEU A 171 6.93 -6.11 7.93
C LEU A 171 5.88 -7.20 8.17
N LEU A 172 5.07 -7.04 9.22
CA LEU A 172 4.12 -8.08 9.63
C LEU A 172 2.84 -7.96 8.80
N ASN A 173 2.99 -8.25 7.50
CA ASN A 173 1.88 -8.18 6.57
C ASN A 173 1.27 -9.56 6.39
N PRO A 174 0.08 -9.83 6.91
CA PRO A 174 -0.55 -11.14 6.74
C PRO A 174 -1.11 -11.39 5.35
N ASP A 175 -1.09 -10.39 4.46
CA ASP A 175 -1.62 -10.53 3.11
C ASP A 175 -0.56 -10.97 2.11
N VAL A 176 0.65 -11.30 2.56
CA VAL A 176 1.70 -11.76 1.66
C VAL A 176 1.30 -13.12 1.09
N LYS A 177 1.31 -13.23 -0.24
CA LYS A 177 0.95 -14.48 -0.89
C LYS A 177 1.97 -15.56 -0.54
N GLY A 178 1.47 -16.75 -0.22
CA GLY A 178 2.31 -17.92 -0.01
C GLY A 178 2.57 -18.28 1.43
N LEU A 179 2.12 -17.47 2.40
CA LEU A 179 2.32 -17.80 3.79
C LEU A 179 1.59 -19.10 4.14
N LYS A 180 2.17 -19.87 5.06
CA LYS A 180 1.51 -21.10 5.50
CA LYS A 180 1.59 -21.12 5.55
C LYS A 180 0.83 -20.96 6.86
N ASN A 181 1.07 -19.86 7.59
CA ASN A 181 0.40 -19.59 8.86
C ASN A 181 0.02 -18.10 8.88
N ARG A 182 -1.00 -17.75 8.10
CA ARG A 182 -1.42 -16.37 7.98
C ARG A 182 -1.87 -15.80 9.32
N GLN A 183 -2.58 -16.60 10.12
CA GLN A 183 -3.12 -16.10 11.37
C GLN A 183 -2.01 -15.81 12.39
N GLU A 184 -0.91 -16.57 12.35
CA GLU A 184 0.22 -16.25 13.22
C GLU A 184 0.81 -14.89 12.89
N VAL A 185 0.68 -14.45 11.63
CA VAL A 185 1.14 -13.12 11.26
C VAL A 185 0.08 -12.07 11.60
N GLU A 186 -1.20 -12.43 11.46
CA GLU A 186 -2.27 -11.51 11.85
C GLU A 186 -2.14 -11.11 13.31
N VAL A 187 -1.93 -12.09 14.19
CA VAL A 187 -1.87 -11.82 15.63
C VAL A 187 -0.75 -10.82 15.92
N LEU A 188 0.35 -10.89 15.18
CA LEU A 188 1.47 -9.98 15.41
C LEU A 188 1.15 -8.57 14.95
N ARG A 189 0.61 -8.43 13.73
CA ARG A 189 0.25 -7.10 13.26
C ARG A 189 -0.85 -6.48 14.10
N GLU A 190 -1.85 -7.28 14.49
CA GLU A 190 -2.94 -6.75 15.31
C GLU A 190 -2.44 -6.27 16.66
N LYS A 191 -1.41 -6.93 17.21
CA LYS A 191 -0.79 -6.42 18.43
C LYS A 191 -0.14 -5.07 18.19
N MET A 192 0.41 -4.86 16.98
CA MET A 192 1.04 -3.58 16.69
C MET A 192 0.02 -2.47 16.54
N PHE A 193 -1.16 -2.79 15.97
CA PHE A 193 -2.25 -1.81 15.94
C PHE A 193 -2.63 -1.38 17.34
N LEU A 194 -2.71 -2.33 18.28
CA LEU A 194 -3.00 -1.99 19.67
C LEU A 194 -1.91 -1.11 20.27
N CYS A 195 -0.65 -1.45 20.01
CA CYS A 195 0.45 -0.65 20.56
C CYS A 195 0.45 0.76 20.00
N LEU A 196 0.24 0.90 18.68
CA LEU A 196 0.27 2.23 18.07
C LEU A 196 -0.90 3.09 18.54
N ASP A 197 -2.09 2.49 18.66
CA ASP A 197 -3.24 3.25 19.12
C ASP A 197 -3.07 3.68 20.58
N GLU A 198 -2.54 2.80 21.42
CA GLU A 198 -2.31 3.15 22.82
C GLU A 198 -1.28 4.26 22.95
N TYR A 199 -0.21 4.19 22.16
CA TYR A 199 0.81 5.24 22.23
C TYR A 199 0.24 6.59 21.80
N CYS A 200 -0.65 6.59 20.82
CA CYS A 200 -1.26 7.85 20.39
C CYS A 200 -2.22 8.39 21.44
N ARG A 201 -2.84 7.51 22.23
CA ARG A 201 -3.79 7.96 23.26
CA ARG A 201 -3.79 7.99 23.24
C ARG A 201 -3.10 8.42 24.53
N ARG A 202 -1.94 7.84 24.86
CA ARG A 202 -1.25 8.20 26.09
C ARG A 202 -0.28 9.36 25.93
N SER A 203 0.35 9.50 24.77
CA SER A 203 1.38 10.50 24.55
C SER A 203 0.96 11.62 23.61
N ARG A 204 0.19 11.30 22.57
CA ARG A 204 -0.30 12.32 21.64
C ARG A 204 -1.79 12.52 21.84
N SER A 205 -2.22 12.68 23.09
CA SER A 205 -3.64 12.66 23.41
C SER A 205 -4.40 13.80 22.74
N SER A 206 -3.74 14.92 22.48
CA SER A 206 -4.44 16.08 21.92
C SER A 206 -4.82 15.86 20.46
N GLU A 207 -3.97 15.17 19.71
CA GLU A 207 -4.15 15.04 18.27
C GLU A 207 -5.20 13.98 17.95
N GLU A 208 -6.26 14.38 17.26
CA GLU A 208 -7.27 13.45 16.77
C GLU A 208 -6.90 12.96 15.37
N GLY A 209 -7.37 11.76 15.05
CA GLY A 209 -7.10 11.19 13.74
C GLY A 209 -5.65 10.93 13.47
N ARG A 210 -4.81 10.89 14.51
CA ARG A 210 -3.40 10.65 14.33
C ARG A 210 -3.13 9.20 13.93
N PHE A 211 -3.84 8.26 14.56
CA PHE A 211 -3.69 6.84 14.22
C PHE A 211 -3.94 6.62 12.74
N ALA A 212 -5.01 7.22 12.20
CA ALA A 212 -5.27 7.11 10.77
C ALA A 212 -4.25 7.87 9.96
N ALA A 213 -3.83 9.05 10.44
CA ALA A 213 -2.87 9.86 9.69
C ALA A 213 -1.55 9.13 9.51
N LEU A 214 -1.11 8.38 10.53
CA LEU A 214 0.14 7.63 10.41
C LEU A 214 0.00 6.52 9.37
N LEU A 215 -1.05 5.71 9.48
CA LEU A 215 -1.22 4.57 8.59
C LEU A 215 -1.46 4.99 7.15
N LEU A 216 -1.83 6.26 6.90
CA LEU A 216 -2.04 6.72 5.54
C LEU A 216 -0.73 6.86 4.78
N ARG A 217 0.41 6.85 5.48
CA ARG A 217 1.70 6.85 4.79
C ARG A 217 1.99 5.50 4.16
N LEU A 218 1.38 4.42 4.67
CA LEU A 218 1.72 3.08 4.20
C LEU A 218 1.29 2.85 2.74
N PRO A 219 0.07 3.21 2.31
CA PRO A 219 -0.23 3.08 0.87
C PRO A 219 0.63 3.99 0.01
N ALA A 220 0.96 5.19 0.50
CA ALA A 220 1.90 6.05 -0.22
C ALA A 220 3.26 5.38 -0.33
N LEU A 221 3.71 4.73 0.74
CA LEU A 221 4.98 4.01 0.69
C LEU A 221 4.91 2.84 -0.28
N ARG A 222 3.74 2.20 -0.40
CA ARG A 222 3.61 1.06 -1.30
C ARG A 222 3.75 1.48 -2.76
N SER A 223 3.02 2.54 -3.15
CA SER A 223 3.09 3.00 -4.54
C SER A 223 4.52 3.41 -4.92
N ILE A 224 5.19 4.14 -4.04
CA ILE A 224 6.57 4.55 -4.31
C ILE A 224 7.47 3.32 -4.41
N SER A 225 7.24 2.33 -3.56
CA SER A 225 8.04 1.10 -3.61
C SER A 225 7.83 0.36 -4.92
N LEU A 226 6.59 0.37 -5.43
CA LEU A 226 6.32 -0.29 -6.71
C LEU A 226 7.01 0.44 -7.85
N LYS A 227 7.05 1.78 -7.79
CA LYS A 227 7.71 2.54 -8.84
C LYS A 227 9.23 2.30 -8.83
N SER A 228 9.81 2.14 -7.65
CA SER A 228 11.24 1.86 -7.56
C SER A 228 11.56 0.50 -8.15
N PHE A 229 10.68 -0.49 -7.92
CA PHE A 229 10.90 -1.82 -8.47
C PHE A 229 10.87 -1.80 -9.99
N GLU A 230 10.08 -0.92 -10.59
CA GLU A 230 10.07 -0.79 -12.05
C GLU A 230 11.44 -0.33 -12.56
N HIS A 231 12.01 0.69 -11.91
CA HIS A 231 13.31 1.19 -12.33
C HIS A 231 14.41 0.16 -12.06
N LEU A 232 14.37 -0.49 -10.90
CA LEU A 232 15.39 -1.48 -10.58
C LEU A 232 15.38 -2.63 -11.57
N PHE A 233 14.18 -3.16 -11.88
CA PHE A 233 14.09 -4.26 -12.84
C PHE A 233 14.40 -3.80 -14.25
N PHE A 234 14.09 -2.54 -14.58
CA PHE A 234 14.39 -2.03 -15.92
C PHE A 234 15.89 -1.99 -16.17
N PHE A 235 16.67 -1.62 -15.17
CA PHE A 235 18.12 -1.59 -15.28
C PHE A 235 18.77 -2.91 -14.84
N HIS A 236 17.98 -3.96 -14.63
CA HIS A 236 18.48 -5.29 -14.32
C HIS A 236 19.41 -5.27 -13.09
N LEU A 237 18.93 -4.60 -12.04
CA LEU A 237 19.72 -4.45 -10.82
C LEU A 237 19.35 -5.43 -9.72
N VAL A 238 18.15 -6.01 -9.76
CA VAL A 238 17.69 -6.91 -8.72
C VAL A 238 18.00 -8.35 -9.12
N ALA A 239 18.51 -9.12 -8.17
CA ALA A 239 18.65 -10.57 -8.35
C ALA A 239 17.46 -11.25 -7.69
N ASP A 240 16.31 -11.12 -8.34
CA ASP A 240 15.06 -11.60 -7.75
C ASP A 240 15.05 -13.12 -7.57
N THR A 241 15.72 -13.85 -8.47
CA THR A 241 15.75 -15.30 -8.38
C THR A 241 16.55 -15.81 -7.18
N SER A 242 17.25 -14.92 -6.46
CA SER A 242 18.14 -15.34 -5.38
C SER A 242 17.85 -14.64 -4.06
N ILE A 243 16.86 -13.74 -4.01
CA ILE A 243 16.63 -12.96 -2.80
C ILE A 243 16.11 -13.84 -1.66
N ALA A 244 15.16 -14.74 -1.96
CA ALA A 244 14.66 -15.64 -0.93
C ALA A 244 15.78 -16.51 -0.37
N GLY A 245 16.71 -16.94 -1.23
CA GLY A 245 17.85 -17.71 -0.75
C GLY A 245 18.76 -16.90 0.15
N TYR A 246 19.00 -15.64 -0.23
CA TYR A 246 19.82 -14.76 0.61
C TYR A 246 19.18 -14.55 1.97
N ILE A 247 17.85 -14.38 2.00
CA ILE A 247 17.15 -14.18 3.26
C ILE A 247 17.24 -15.43 4.13
N ARG A 248 17.16 -16.60 3.50
CA ARG A 248 17.28 -17.85 4.26
C ARG A 248 18.62 -17.92 4.98
N ASP A 249 19.72 -17.73 4.26
CA ASP A 249 21.04 -17.84 4.87
C ASP A 249 21.32 -16.70 5.84
N ALA A 250 20.79 -15.52 5.58
CA ALA A 250 21.05 -14.38 6.47
C ALA A 250 20.40 -14.59 7.84
N LEU A 251 19.17 -15.12 7.85
CA LEU A 251 18.50 -15.37 9.13
C LEU A 251 19.23 -16.41 9.95
N ARG A 252 19.94 -17.34 9.29
CA ARG A 252 20.57 -18.46 9.98
C ARG A 252 22.01 -18.17 10.40
N ASN A 253 22.78 -17.50 9.54
CA ASN A 253 24.22 -17.38 9.73
C ASN A 253 24.70 -15.99 10.15
N HIS A 254 23.94 -14.94 9.85
CA HIS A 254 24.41 -13.59 10.15
C HIS A 254 24.51 -13.39 11.66
N ALA A 255 25.55 -12.65 12.07
CA ALA A 255 25.80 -12.43 13.48
C ALA A 255 24.72 -11.54 14.09
N PRO A 256 24.38 -11.73 15.35
CA PRO A 256 23.38 -10.89 16.00
C PRO A 256 23.90 -9.48 16.19
N PRO A 257 23.02 -8.51 16.40
CA PRO A 257 23.48 -7.12 16.59
C PRO A 257 24.15 -6.95 17.93
N ILE A 258 24.83 -5.81 18.07
CA ILE A 258 25.56 -5.47 19.29
C ILE A 258 24.96 -4.19 19.86
N ASP A 259 24.68 -4.20 21.16
CA ASP A 259 24.17 -3.02 21.85
C ASP A 259 25.32 -2.06 22.13
N THR A 260 25.24 -0.86 21.58
CA THR A 260 26.30 0.12 21.80
C THR A 260 26.35 0.57 23.27
N ASN A 261 25.17 0.74 23.88
CA ASN A 261 24.99 1.17 25.27
C ASN A 261 26.08 2.10 25.81
N ASN B 20 -18.73 7.85 28.08
CA ASN B 20 -18.40 6.45 27.83
C ASN B 20 -17.83 6.28 26.43
N VAL B 21 -18.71 6.06 25.46
CA VAL B 21 -18.34 5.87 24.06
C VAL B 21 -18.89 7.07 23.28
N PRO B 22 -18.04 7.80 22.55
CA PRO B 22 -18.52 8.98 21.83
C PRO B 22 -19.53 8.60 20.76
N PRO B 23 -20.77 9.11 20.86
CA PRO B 23 -21.81 8.72 19.90
C PRO B 23 -21.56 9.31 18.52
N LEU B 24 -22.29 8.78 17.55
CA LEU B 24 -22.25 9.32 16.19
C LEU B 24 -23.10 10.58 16.10
N THR B 25 -22.51 11.64 15.56
CA THR B 25 -23.25 12.88 15.37
C THR B 25 -24.29 12.71 14.28
N ALA B 26 -25.25 13.64 14.25
CA ALA B 26 -26.31 13.59 13.25
C ALA B 26 -25.75 13.67 11.83
N ASN B 27 -24.67 14.43 11.63
CA ASN B 27 -24.02 14.48 10.32
C ASN B 27 -23.37 13.15 9.97
N GLN B 28 -22.84 12.44 10.96
CA GLN B 28 -22.19 11.15 10.70
C GLN B 28 -23.20 10.05 10.42
N LYS B 29 -24.30 10.00 11.17
CA LYS B 29 -25.33 9.01 10.91
C LYS B 29 -25.99 9.25 9.55
N SER B 30 -26.18 10.53 9.19
CA SER B 30 -26.76 10.84 7.89
C SER B 30 -25.82 10.48 6.75
N LEU B 31 -24.51 10.72 6.94
CA LEU B 31 -23.54 10.35 5.92
C LEU B 31 -23.52 8.84 5.69
N ILE B 32 -23.58 8.07 6.77
CA ILE B 32 -23.57 6.62 6.66
C ILE B 32 -24.81 6.13 5.91
N ALA B 33 -25.98 6.63 6.30
CA ALA B 33 -27.22 6.20 5.64
C ALA B 33 -27.23 6.62 4.18
N ARG B 34 -26.67 7.79 3.87
CA ARG B 34 -26.61 8.25 2.48
C ARG B 34 -25.72 7.35 1.64
N LEU B 35 -24.55 6.99 2.16
CA LEU B 35 -23.61 6.18 1.39
C LEU B 35 -24.12 4.76 1.19
N VAL B 36 -24.73 4.17 2.23
CA VAL B 36 -25.27 2.83 2.10
C VAL B 36 -26.43 2.81 1.11
N TYR B 37 -27.26 3.85 1.12
CA TYR B 37 -28.42 3.91 0.23
C TYR B 37 -28.00 3.93 -1.23
N TYR B 38 -27.05 4.80 -1.57
CA TYR B 38 -26.58 4.90 -2.95
C TYR B 38 -25.62 3.77 -3.33
N GLN B 39 -25.04 3.08 -2.34
CA GLN B 39 -24.23 1.91 -2.67
C GLN B 39 -25.09 0.80 -3.26
N GLU B 40 -26.29 0.59 -2.69
CA GLU B 40 -27.19 -0.41 -3.26
C GLU B 40 -27.67 0.01 -4.64
N GLY B 41 -27.87 1.31 -4.85
CA GLY B 41 -28.34 1.79 -6.15
C GLY B 41 -27.29 1.66 -7.23
N TYR B 42 -26.02 1.90 -6.89
CA TYR B 42 -24.92 1.74 -7.83
C TYR B 42 -24.30 0.35 -7.76
N GLU B 43 -24.76 -0.50 -6.84
CA GLU B 43 -24.33 -1.90 -6.83
C GLU B 43 -24.68 -2.59 -8.14
N GLN B 44 -25.94 -2.52 -8.54
CA GLN B 44 -26.46 -3.21 -9.71
C GLN B 44 -25.81 -2.66 -10.98
N PRO B 45 -24.98 -3.46 -11.67
CA PRO B 45 -24.51 -3.05 -12.99
C PRO B 45 -25.61 -3.20 -14.02
N SER B 46 -26.75 -2.56 -13.76
CA SER B 46 -27.98 -2.86 -14.48
C SER B 46 -28.40 -1.76 -15.43
N GLU B 47 -29.54 -1.13 -15.12
CA GLU B 47 -30.30 -0.37 -16.10
C GLU B 47 -30.66 -1.26 -17.28
N GLU B 48 -30.61 -2.57 -17.03
CA GLU B 48 -30.73 -3.59 -18.06
C GLU B 48 -29.75 -3.32 -19.21
N ASP B 49 -28.61 -2.71 -18.87
CA ASP B 49 -27.59 -2.43 -19.87
C ASP B 49 -26.75 -3.65 -20.23
N LEU B 50 -26.89 -4.75 -19.49
CA LEU B 50 -26.28 -6.01 -19.93
C LEU B 50 -26.86 -6.43 -21.26
N LYS B 51 -28.18 -6.26 -21.44
CA LYS B 51 -28.79 -6.49 -22.72
C LYS B 51 -28.62 -5.30 -23.65
N ARG B 52 -28.68 -4.08 -23.11
CA ARG B 52 -28.57 -2.89 -23.94
C ARG B 52 -27.17 -2.74 -24.53
N VAL B 53 -26.15 -3.07 -23.74
CA VAL B 53 -24.77 -2.99 -24.23
C VAL B 53 -24.22 -4.38 -24.49
N SER B 66 -11.57 -15.00 -30.11
CA SER B 66 -11.25 -14.76 -28.71
C SER B 66 -11.38 -13.27 -28.38
N ASP B 67 -11.91 -12.50 -29.33
CA ASP B 67 -12.13 -11.08 -29.08
C ASP B 67 -13.34 -10.83 -28.21
N MET B 68 -14.36 -11.69 -28.28
CA MET B 68 -15.55 -11.51 -27.46
C MET B 68 -15.27 -11.62 -25.97
N PRO B 69 -14.48 -12.59 -25.47
CA PRO B 69 -14.18 -12.59 -24.02
C PRO B 69 -13.55 -11.30 -23.54
N PHE B 70 -12.60 -10.74 -24.31
CA PHE B 70 -12.00 -9.48 -23.91
C PHE B 70 -12.99 -8.32 -24.05
N ARG B 71 -13.98 -8.46 -24.93
CA ARG B 71 -14.97 -7.40 -25.09
C ARG B 71 -16.02 -7.43 -23.99
N GLN B 72 -16.33 -8.61 -23.45
CA GLN B 72 -17.23 -8.68 -22.30
C GLN B 72 -16.62 -8.01 -21.08
N ILE B 73 -15.32 -8.20 -20.86
CA ILE B 73 -14.65 -7.60 -19.72
C ILE B 73 -14.63 -6.08 -19.85
N THR B 74 -14.23 -5.58 -21.03
CA THR B 74 -14.14 -4.15 -21.24
C THR B 74 -15.51 -3.47 -21.19
N GLU B 75 -16.56 -4.15 -21.65
CA GLU B 75 -17.89 -3.56 -21.63
C GLU B 75 -18.46 -3.55 -20.22
N MET B 76 -18.28 -4.64 -19.47
CA MET B 76 -18.73 -4.68 -18.08
C MET B 76 -17.98 -3.66 -17.23
N THR B 77 -16.69 -3.49 -17.51
CA THR B 77 -15.88 -2.54 -16.73
C THR B 77 -16.34 -1.10 -16.98
N ILE B 78 -16.60 -0.75 -18.24
CA ILE B 78 -17.08 0.60 -18.55
C ILE B 78 -18.34 0.91 -17.77
N LEU B 79 -19.29 -0.03 -17.76
CA LEU B 79 -20.54 0.19 -17.04
C LEU B 79 -20.29 0.35 -15.55
N THR B 80 -19.44 -0.50 -14.98
CA THR B 80 -19.20 -0.44 -13.53
C THR B 80 -18.38 0.78 -13.16
N VAL B 81 -17.43 1.18 -14.02
CA VAL B 81 -16.66 2.39 -13.76
C VAL B 81 -17.57 3.61 -13.74
N GLN B 82 -18.57 3.64 -14.63
CA GLN B 82 -19.51 4.75 -14.64
C GLN B 82 -20.35 4.78 -13.37
N LEU B 83 -20.60 3.63 -12.76
CA LEU B 83 -21.27 3.61 -11.46
C LEU B 83 -20.37 4.17 -10.36
N ILE B 84 -19.06 3.93 -10.47
CA ILE B 84 -18.12 4.47 -9.49
C ILE B 84 -18.04 5.99 -9.62
N VAL B 85 -18.03 6.50 -10.85
CA VAL B 85 -17.95 7.94 -11.07
C VAL B 85 -19.20 8.63 -10.54
N GLU B 86 -20.38 8.08 -10.82
CA GLU B 86 -21.61 8.67 -10.30
C GLU B 86 -21.70 8.56 -8.78
N PHE B 87 -21.19 7.45 -8.22
CA PHE B 87 -21.13 7.34 -6.77
C PHE B 87 -20.18 8.38 -6.18
N ALA B 88 -19.05 8.62 -6.85
CA ALA B 88 -18.08 9.59 -6.34
C ALA B 88 -18.59 11.02 -6.50
N LYS B 89 -19.17 11.34 -7.65
CA LYS B 89 -19.71 12.69 -7.87
C LYS B 89 -20.82 13.02 -6.88
N GLY B 90 -21.52 12.03 -6.34
CA GLY B 90 -22.51 12.25 -5.31
C GLY B 90 -21.98 12.23 -3.89
N LEU B 91 -20.67 12.05 -3.70
CA LEU B 91 -20.10 12.03 -2.36
C LEU B 91 -19.98 13.46 -1.82
N PRO B 92 -20.38 13.70 -0.57
CA PRO B 92 -20.16 15.02 0.03
C PRO B 92 -18.70 15.42 0.01
N GLY B 93 -18.42 16.58 -0.58
CA GLY B 93 -17.08 17.10 -0.71
C GLY B 93 -16.52 17.05 -2.12
N PHE B 94 -17.07 16.20 -2.99
CA PHE B 94 -16.55 16.06 -4.33
C PHE B 94 -16.72 17.35 -5.15
N SER B 95 -17.74 18.13 -4.83
CA SER B 95 -17.98 19.41 -5.50
C SER B 95 -17.08 20.53 -5.00
N LYS B 96 -16.43 20.35 -3.85
CA LYS B 96 -15.59 21.41 -3.29
C LYS B 96 -14.24 21.52 -4.00
N ILE B 97 -13.75 20.43 -4.61
CA ILE B 97 -12.42 20.42 -5.19
C ILE B 97 -12.45 20.88 -6.64
N SER B 98 -11.28 21.18 -7.20
CA SER B 98 -11.17 21.61 -8.58
C SER B 98 -11.60 20.51 -9.54
N GLN B 99 -11.94 20.91 -10.77
CA GLN B 99 -12.35 19.93 -11.76
C GLN B 99 -11.20 19.00 -12.12
N SER B 100 -10.01 19.55 -12.33
CA SER B 100 -8.86 18.71 -12.63
C SER B 100 -8.46 17.83 -11.44
N ASP B 101 -8.77 18.28 -10.22
CA ASP B 101 -8.59 17.41 -9.06
C ASP B 101 -9.62 16.28 -9.05
N GLN B 102 -10.83 16.56 -9.54
CA GLN B 102 -11.83 15.49 -9.68
C GLN B 102 -11.38 14.45 -10.69
N ILE B 103 -10.87 14.91 -11.83
CA ILE B 103 -10.38 13.98 -12.86
C ILE B 103 -9.20 13.18 -12.32
N THR B 104 -8.32 13.82 -11.55
CA THR B 104 -7.18 13.12 -10.97
C THR B 104 -7.63 12.00 -10.04
N LEU B 105 -8.63 12.27 -9.20
CA LEU B 105 -9.09 11.26 -8.24
C LEU B 105 -9.82 10.13 -8.96
N LEU B 106 -10.72 10.47 -9.89
CA LEU B 106 -11.48 9.44 -10.59
C LEU B 106 -10.59 8.56 -11.44
N LYS B 107 -9.54 9.13 -12.04
CA LYS B 107 -8.63 8.34 -12.85
C LYS B 107 -7.81 7.39 -12.01
N ALA B 108 -7.48 7.77 -10.78
CA ALA B 108 -6.62 6.95 -9.93
C ALA B 108 -7.38 5.95 -9.08
N CYS B 109 -8.60 6.28 -8.66
CA CYS B 109 -9.38 5.38 -7.82
C CYS B 109 -10.21 4.39 -8.61
N SER B 110 -10.36 4.58 -9.92
CA SER B 110 -11.26 3.75 -10.72
C SER B 110 -10.88 2.28 -10.64
N SER B 111 -9.61 1.96 -10.85
CA SER B 111 -9.19 0.57 -10.85
C SER B 111 -9.17 0.00 -9.43
N GLU B 112 -8.78 0.82 -8.45
CA GLU B 112 -8.75 0.35 -7.06
C GLU B 112 -10.16 0.04 -6.55
N VAL B 113 -11.12 0.92 -6.83
CA VAL B 113 -12.50 0.65 -6.42
C VAL B 113 -13.07 -0.54 -7.20
N MET B 114 -12.60 -0.76 -8.43
CA MET B 114 -13.03 -1.94 -9.17
C MET B 114 -12.61 -3.22 -8.49
N MET B 115 -11.43 -3.22 -7.86
CA MET B 115 -11.00 -4.40 -7.11
C MET B 115 -11.91 -4.64 -5.91
N LEU B 116 -12.32 -3.56 -5.23
CA LEU B 116 -13.21 -3.70 -4.09
C LEU B 116 -14.58 -4.24 -4.50
N ARG B 117 -15.15 -3.72 -5.59
CA ARG B 117 -16.47 -4.16 -6.02
C ARG B 117 -16.46 -5.63 -6.43
N VAL B 118 -15.42 -6.07 -7.13
CA VAL B 118 -15.32 -7.48 -7.50
C VAL B 118 -15.06 -8.34 -6.28
N ALA B 119 -14.20 -7.89 -5.37
CA ALA B 119 -13.93 -8.65 -4.15
C ALA B 119 -15.17 -8.77 -3.28
N ARG B 120 -16.04 -7.76 -3.29
CA ARG B 120 -17.25 -7.80 -2.49
C ARG B 120 -18.19 -8.92 -2.91
N ARG B 121 -18.04 -9.43 -4.14
CA ARG B 121 -18.89 -10.49 -4.65
C ARG B 121 -18.23 -11.87 -4.58
N TYR B 122 -17.28 -12.05 -3.66
CA TYR B 122 -16.61 -13.33 -3.51
C TYR B 122 -17.50 -14.31 -2.75
N ASP B 123 -17.59 -15.54 -3.24
CA ASP B 123 -18.36 -16.59 -2.60
C ASP B 123 -17.40 -17.65 -2.08
N ALA B 124 -17.41 -17.85 -0.76
CA ALA B 124 -16.44 -18.75 -0.15
C ALA B 124 -16.70 -20.21 -0.55
N ALA B 125 -17.98 -20.58 -0.68
CA ALA B 125 -18.31 -21.98 -0.93
C ALA B 125 -17.76 -22.46 -2.26
N THR B 126 -17.78 -21.61 -3.27
CA THR B 126 -17.25 -21.95 -4.60
C THR B 126 -15.87 -21.37 -4.84
N ASP B 127 -15.35 -20.55 -3.93
CA ASP B 127 -14.04 -19.90 -4.07
C ASP B 127 -13.96 -19.16 -5.40
N SER B 128 -15.02 -18.42 -5.72
CA SER B 128 -15.12 -17.70 -6.99
C SER B 128 -15.83 -16.38 -6.77
N VAL B 129 -15.90 -15.59 -7.84
CA VAL B 129 -16.54 -14.29 -7.83
C VAL B 129 -17.88 -14.42 -8.56
N LEU B 130 -18.97 -14.13 -7.85
CA LEU B 130 -20.33 -14.26 -8.40
C LEU B 130 -20.89 -12.86 -8.62
N PHE B 131 -20.95 -12.45 -9.88
CA PHE B 131 -21.39 -11.11 -10.26
C PHE B 131 -22.76 -11.13 -10.93
N ALA B 132 -23.64 -12.04 -10.51
CA ALA B 132 -24.97 -12.21 -11.09
C ALA B 132 -24.89 -12.53 -12.57
N ASN B 133 -24.35 -11.61 -13.37
CA ASN B 133 -24.05 -11.88 -14.78
C ASN B 133 -22.68 -12.56 -14.89
N ASN B 134 -22.58 -13.71 -14.22
CA ASN B 134 -21.30 -14.40 -14.04
C ASN B 134 -20.83 -14.94 -15.39
N GLN B 135 -20.23 -14.05 -16.17
CA GLN B 135 -19.64 -14.43 -17.46
C GLN B 135 -18.28 -13.77 -17.63
N ALA B 136 -18.24 -12.44 -17.56
CA ALA B 136 -17.01 -11.71 -17.84
C ALA B 136 -15.95 -11.98 -16.79
N TYR B 137 -16.29 -11.79 -15.51
CA TYR B 137 -15.32 -11.87 -14.43
C TYR B 137 -15.14 -13.30 -13.89
N THR B 138 -15.58 -14.30 -14.64
CA THR B 138 -15.29 -15.68 -14.28
C THR B 138 -13.86 -16.02 -14.65
N ARG B 139 -13.40 -17.19 -14.17
CA ARG B 139 -12.07 -17.67 -14.54
C ARG B 139 -11.97 -17.91 -16.04
N ASP B 140 -12.99 -18.56 -16.63
CA ASP B 140 -12.88 -19.02 -18.01
C ASP B 140 -12.78 -17.86 -18.99
N ASN B 141 -13.61 -16.82 -18.82
CA ASN B 141 -13.53 -15.68 -19.74
C ASN B 141 -12.17 -14.99 -19.63
N TYR B 142 -11.62 -14.93 -18.42
CA TYR B 142 -10.26 -14.39 -18.26
C TYR B 142 -9.23 -15.30 -18.89
N ARG B 143 -9.45 -16.63 -18.85
CA ARG B 143 -8.53 -17.55 -19.51
C ARG B 143 -8.62 -17.40 -21.03
N LYS B 144 -9.83 -17.25 -21.57
CA LYS B 144 -9.99 -17.12 -23.01
C LYS B 144 -9.40 -15.81 -23.53
N ALA B 145 -9.51 -14.74 -22.73
CA ALA B 145 -9.03 -13.43 -23.14
C ALA B 145 -7.52 -13.26 -22.97
N GLY B 146 -6.81 -14.28 -22.50
CA GLY B 146 -5.38 -14.19 -22.33
C GLY B 146 -4.93 -13.56 -21.03
N MET B 147 -5.84 -13.19 -20.15
CA MET B 147 -5.47 -12.64 -18.85
C MET B 147 -5.79 -13.63 -17.74
N ALA B 148 -5.30 -14.87 -17.90
CA ALA B 148 -5.52 -15.89 -16.87
C ALA B 148 -4.50 -15.80 -15.74
N TYR B 149 -3.31 -15.27 -16.01
CA TYR B 149 -2.28 -15.12 -14.99
C TYR B 149 -2.69 -14.15 -13.88
N VAL B 150 -3.77 -13.41 -14.07
CA VAL B 150 -4.20 -12.41 -13.10
C VAL B 150 -5.23 -12.95 -12.12
N ILE B 151 -5.86 -14.08 -12.43
CA ILE B 151 -6.99 -14.58 -11.63
C ILE B 151 -6.56 -14.88 -10.20
N GLU B 152 -5.42 -15.56 -10.02
CA GLU B 152 -5.02 -15.98 -8.69
C GLU B 152 -4.67 -14.79 -7.81
N ASP B 153 -4.02 -13.77 -8.36
CA ASP B 153 -3.75 -12.57 -7.59
C ASP B 153 -5.05 -11.88 -7.18
N LEU B 154 -6.07 -11.93 -8.04
CA LEU B 154 -7.36 -11.33 -7.71
C LEU B 154 -8.06 -12.12 -6.61
N LEU B 155 -8.16 -13.44 -6.79
CA LEU B 155 -8.86 -14.28 -5.81
C LEU B 155 -8.19 -14.26 -4.45
N HIS B 156 -6.86 -14.18 -4.41
CA HIS B 156 -6.17 -14.05 -3.12
C HIS B 156 -6.64 -12.80 -2.38
N PHE B 157 -6.73 -11.67 -3.09
CA PHE B 157 -7.27 -10.46 -2.49
C PHE B 157 -8.72 -10.67 -2.07
N CYS B 158 -9.49 -11.38 -2.89
CA CYS B 158 -10.88 -11.67 -2.54
C CYS B 158 -10.97 -12.45 -1.23
N ARG B 159 -10.13 -13.48 -1.09
CA ARG B 159 -10.10 -14.25 0.15
C ARG B 159 -9.66 -13.38 1.32
N CYS B 160 -8.63 -12.55 1.12
CA CYS B 160 -8.12 -11.71 2.21
C CYS B 160 -9.16 -10.69 2.65
N MET B 161 -9.89 -10.10 1.70
CA MET B 161 -10.90 -9.11 2.06
C MET B 161 -12.12 -9.78 2.67
N TYR B 162 -12.49 -10.96 2.17
CA TYR B 162 -13.67 -11.66 2.70
C TYR B 162 -13.48 -12.02 4.16
N SER B 163 -12.26 -12.36 4.56
CA SER B 163 -11.98 -12.75 5.94
C SER B 163 -12.08 -11.57 6.91
N MET B 164 -12.10 -10.33 6.42
CA MET B 164 -12.23 -9.18 7.29
C MET B 164 -13.67 -9.00 7.79
N MET B 165 -14.66 -9.52 7.08
CA MET B 165 -16.06 -9.46 7.48
C MET B 165 -16.52 -8.00 7.62
N MET B 166 -16.34 -7.24 6.55
CA MET B 166 -16.80 -5.85 6.52
C MET B 166 -18.30 -5.82 6.25
N ASP B 167 -19.01 -5.01 7.02
CA ASP B 167 -20.42 -4.75 6.71
C ASP B 167 -20.48 -3.67 5.62
N ASN B 168 -21.70 -3.34 5.19
CA ASN B 168 -21.86 -2.36 4.13
C ASN B 168 -21.44 -0.96 4.55
N VAL B 169 -21.37 -0.69 5.85
CA VAL B 169 -20.87 0.60 6.32
C VAL B 169 -19.36 0.67 6.21
N HIS B 170 -18.66 -0.34 6.74
CA HIS B 170 -17.22 -0.44 6.56
C HIS B 170 -16.84 -0.31 5.09
N TYR B 171 -17.53 -1.07 4.23
CA TYR B 171 -17.17 -1.14 2.82
C TYR B 171 -17.47 0.18 2.10
N ALA B 172 -18.58 0.83 2.43
CA ALA B 172 -18.93 2.07 1.76
C ALA B 172 -18.00 3.20 2.18
N LEU B 173 -17.74 3.34 3.48
CA LEU B 173 -16.84 4.38 3.95
C LEU B 173 -15.43 4.16 3.39
N LEU B 174 -14.98 2.91 3.30
CA LEU B 174 -13.69 2.61 2.69
C LEU B 174 -13.65 3.10 1.24
N THR B 175 -14.74 2.88 0.50
CA THR B 175 -14.78 3.33 -0.89
C THR B 175 -14.60 4.84 -0.98
N ALA B 176 -15.27 5.60 -0.11
CA ALA B 176 -15.08 7.05 -0.07
C ALA B 176 -13.65 7.40 0.27
N ILE B 177 -13.04 6.67 1.21
CA ILE B 177 -11.67 6.96 1.63
C ILE B 177 -10.68 6.65 0.52
N VAL B 178 -10.96 5.63 -0.30
CA VAL B 178 -10.11 5.36 -1.46
C VAL B 178 -10.18 6.53 -2.45
N ILE B 179 -11.39 7.04 -2.70
CA ILE B 179 -11.58 8.09 -3.70
C ILE B 179 -10.84 9.36 -3.30
N PHE B 180 -10.93 9.73 -2.02
CA PHE B 180 -10.28 10.94 -1.52
C PHE B 180 -8.87 10.69 -1.01
N SER B 181 -8.19 9.66 -1.51
CA SER B 181 -6.82 9.42 -1.12
C SER B 181 -5.88 10.41 -1.79
N ASP B 182 -4.69 10.56 -1.21
CA ASP B 182 -3.70 11.51 -1.72
C ASP B 182 -3.05 10.93 -2.96
N ARG B 183 -3.36 11.50 -4.12
CA ARG B 183 -2.83 11.06 -5.40
C ARG B 183 -1.81 12.07 -5.93
N PRO B 184 -0.82 11.61 -6.69
CA PRO B 184 0.11 12.56 -7.31
C PRO B 184 -0.61 13.47 -8.30
N GLY B 185 -0.21 14.74 -8.29
CA GLY B 185 -0.75 15.72 -9.22
C GLY B 185 -1.92 16.53 -8.72
N LEU B 186 -2.31 16.37 -7.45
CA LEU B 186 -3.44 17.14 -6.93
C LEU B 186 -3.05 18.60 -6.74
N GLU B 187 -3.89 19.50 -7.24
CA GLU B 187 -3.62 20.93 -7.08
C GLU B 187 -3.80 21.36 -5.62
N GLN B 188 -4.79 20.80 -4.94
CA GLN B 188 -5.07 21.10 -3.53
C GLN B 188 -5.08 19.80 -2.74
N PRO B 189 -3.90 19.22 -2.50
CA PRO B 189 -3.86 17.96 -1.72
C PRO B 189 -4.34 18.12 -0.29
N SER B 190 -4.12 19.28 0.32
CA SER B 190 -4.57 19.50 1.69
C SER B 190 -6.10 19.53 1.77
N LEU B 191 -6.76 20.04 0.74
CA LEU B 191 -8.21 20.07 0.74
C LEU B 191 -8.79 18.66 0.65
N VAL B 192 -8.28 17.84 -0.28
CA VAL B 192 -8.74 16.46 -0.40
C VAL B 192 -8.47 15.69 0.89
N GLU B 193 -7.39 16.04 1.59
CA GLU B 193 -7.10 15.38 2.87
C GLU B 193 -8.14 15.73 3.92
N GLU B 194 -8.58 16.99 3.94
CA GLU B 194 -9.62 17.40 4.90
C GLU B 194 -10.93 16.68 4.63
N ILE B 195 -11.26 16.48 3.35
CA ILE B 195 -12.47 15.75 2.99
C ILE B 195 -12.35 14.29 3.45
N GLN B 196 -11.20 13.67 3.17
CA GLN B 196 -10.99 12.28 3.55
C GLN B 196 -11.06 12.11 5.06
N ARG B 197 -10.54 13.09 5.81
CA ARG B 197 -10.54 12.98 7.27
C ARG B 197 -11.95 12.89 7.83
N TYR B 198 -12.93 13.49 7.14
CA TYR B 198 -14.29 13.42 7.67
CA TYR B 198 -14.32 13.45 7.60
C TYR B 198 -14.89 12.04 7.48
N TYR B 199 -14.53 11.33 6.41
CA TYR B 199 -14.96 9.95 6.26
C TYR B 199 -14.16 9.03 7.18
N LEU B 200 -12.86 9.28 7.30
CA LEU B 200 -12.03 8.50 8.23
C LEU B 200 -12.57 8.60 9.66
N ASN B 201 -12.85 9.83 10.12
CA ASN B 201 -13.36 10.00 11.47
C ASN B 201 -14.72 9.36 11.63
N THR B 202 -15.55 9.40 10.59
CA THR B 202 -16.84 8.73 10.63
C THR B 202 -16.65 7.22 10.79
N LEU B 203 -15.69 6.65 10.06
CA LEU B 203 -15.43 5.22 10.17
C LEU B 203 -14.90 4.85 11.56
N ARG B 204 -14.02 5.68 12.11
CA ARG B 204 -13.46 5.40 13.43
C ARG B 204 -14.55 5.40 14.49
N VAL B 205 -15.42 6.41 14.48
CA VAL B 205 -16.48 6.50 15.49
C VAL B 205 -17.50 5.39 15.30
N TYR B 206 -17.78 5.00 14.06
CA TYR B 206 -18.72 3.91 13.82
C TYR B 206 -18.20 2.61 14.42
N ILE B 207 -16.92 2.30 14.20
CA ILE B 207 -16.32 1.10 14.77
C ILE B 207 -16.31 1.17 16.29
N LEU B 208 -15.99 2.35 16.84
CA LEU B 208 -15.94 2.52 18.28
C LEU B 208 -17.31 2.27 18.91
N ASN B 209 -18.36 2.86 18.34
CA ASN B 209 -19.70 2.65 18.87
C ASN B 209 -20.18 1.22 18.68
N GLN B 210 -19.77 0.57 17.59
CA GLN B 210 -20.16 -0.81 17.35
C GLN B 210 -19.39 -1.79 18.23
N ASN B 211 -18.30 -1.37 18.88
CA ASN B 211 -17.50 -2.23 19.74
C ASN B 211 -17.43 -1.73 21.18
N SER B 212 -18.26 -0.75 21.55
CA SER B 212 -18.29 -0.23 22.92
C SER B 212 -16.92 0.28 23.37
N ALA B 213 -16.24 0.99 22.47
CA ALA B 213 -14.92 1.55 22.74
C ALA B 213 -13.91 0.48 23.14
N SER B 214 -14.10 -0.74 22.63
CA SER B 214 -13.15 -1.82 22.92
C SER B 214 -11.80 -1.50 22.31
N PRO B 215 -10.71 -1.95 22.94
CA PRO B 215 -9.38 -1.76 22.33
C PRO B 215 -9.27 -2.36 20.94
N ARG B 216 -10.07 -3.38 20.63
CA ARG B 216 -10.08 -4.00 19.31
C ARG B 216 -10.60 -3.07 18.22
N SER B 217 -11.12 -1.90 18.57
CA SER B 217 -11.54 -0.93 17.55
C SER B 217 -10.36 -0.52 16.69
N ALA B 218 -9.19 -0.36 17.29
CA ALA B 218 -8.00 0.00 16.52
C ALA B 218 -7.61 -1.11 15.55
N VAL B 219 -7.81 -2.36 15.94
CA VAL B 219 -7.48 -3.48 15.07
C VAL B 219 -8.40 -3.49 13.85
N ILE B 220 -9.72 -3.39 14.08
CA ILE B 220 -10.66 -3.33 12.97
C ILE B 220 -10.36 -2.13 12.09
N PHE B 221 -10.15 -0.96 12.71
CA PHE B 221 -9.85 0.25 11.96
C PHE B 221 -8.56 0.11 11.17
N GLY B 222 -7.50 -0.40 11.83
CA GLY B 222 -6.22 -0.50 11.16
C GLY B 222 -6.23 -1.48 10.00
N LYS B 223 -6.94 -2.60 10.15
CA LYS B 223 -7.01 -3.57 9.07
C LYS B 223 -7.72 -2.99 7.85
N ILE B 224 -8.76 -2.20 8.07
CA ILE B 224 -9.47 -1.58 6.95
C ILE B 224 -8.55 -0.61 6.21
N LEU B 225 -7.83 0.22 6.96
CA LEU B 225 -6.85 1.11 6.36
C LEU B 225 -5.74 0.34 5.67
N GLY B 226 -5.46 -0.88 6.13
CA GLY B 226 -4.47 -1.70 5.47
C GLY B 226 -4.84 -2.09 4.05
N ILE B 227 -6.16 -2.13 3.76
CA ILE B 227 -6.61 -2.43 2.40
C ILE B 227 -6.14 -1.36 1.43
N LEU B 228 -6.08 -0.10 1.88
CA LEU B 228 -5.60 0.98 1.03
C LEU B 228 -4.22 0.66 0.48
N THR B 229 -3.36 0.06 1.30
CA THR B 229 -2.02 -0.31 0.85
C THR B 229 -2.07 -1.39 -0.21
N GLU B 230 -2.94 -2.39 -0.03
CA GLU B 230 -2.92 -3.56 -0.90
C GLU B 230 -3.52 -3.26 -2.27
N ILE B 231 -4.57 -2.43 -2.33
CA ILE B 231 -5.16 -2.09 -3.62
C ILE B 231 -4.28 -1.16 -4.43
N ARG B 232 -3.26 -0.56 -3.82
CA ARG B 232 -2.25 0.16 -4.60
C ARG B 232 -1.50 -0.80 -5.52
N THR B 233 -1.20 -2.00 -5.02
CA THR B 233 -0.53 -3.00 -5.85
C THR B 233 -1.43 -3.47 -6.98
N LEU B 234 -2.70 -3.74 -6.67
CA LEU B 234 -3.64 -4.21 -7.70
C LEU B 234 -3.84 -3.15 -8.78
N GLY B 235 -3.97 -1.89 -8.38
CA GLY B 235 -4.08 -0.82 -9.37
C GLY B 235 -2.85 -0.72 -10.24
N MET B 236 -1.67 -0.94 -9.65
CA MET B 236 -0.43 -0.96 -10.44
C MET B 236 -0.43 -2.14 -11.42
N GLN B 237 -0.81 -3.32 -10.94
CA GLN B 237 -0.89 -4.49 -11.82
C GLN B 237 -1.88 -4.25 -12.95
N ASN B 238 -2.97 -3.53 -12.66
CA ASN B 238 -3.90 -3.15 -13.72
C ASN B 238 -3.23 -2.21 -14.72
N SER B 239 -2.44 -1.25 -14.21
CA SER B 239 -1.72 -0.35 -15.11
C SER B 239 -0.69 -1.12 -15.94
N ASN B 240 -0.07 -2.14 -15.36
CA ASN B 240 0.91 -2.93 -16.10
C ASN B 240 0.27 -3.80 -17.16
N MET B 241 -1.00 -4.16 -17.00
CA MET B 241 -1.68 -4.88 -18.07
C MET B 241 -2.06 -3.94 -19.22
N CYS B 242 -2.50 -2.72 -18.89
CA CYS B 242 -2.77 -1.73 -19.93
C CYS B 242 -1.53 -1.47 -20.76
N ILE B 243 -0.35 -1.43 -20.13
CA ILE B 243 0.90 -1.30 -20.87
C ILE B 243 1.13 -2.54 -21.73
N SER B 244 0.86 -3.72 -21.18
CA SER B 244 1.09 -4.95 -21.93
C SER B 244 0.19 -5.03 -23.16
N LEU B 245 -1.05 -4.53 -23.04
CA LEU B 245 -1.96 -4.57 -24.18
C LEU B 245 -1.47 -3.67 -25.31
N LYS B 246 -0.91 -2.51 -24.97
CA LYS B 246 -0.40 -1.60 -26.01
C LYS B 246 0.79 -2.22 -26.73
N LEU B 247 1.67 -2.90 -26.00
CA LEU B 247 2.80 -3.56 -26.65
C LEU B 247 2.34 -4.70 -27.55
N LYS B 248 1.32 -5.44 -27.12
CA LYS B 248 0.70 -6.46 -27.97
C LYS B 248 -0.31 -5.88 -28.93
N ASN B 249 -0.45 -4.56 -28.97
CA ASN B 249 -1.30 -3.81 -29.91
C ASN B 249 -2.78 -4.11 -29.74
N ARG B 250 -3.17 -4.83 -28.70
CA ARG B 250 -4.58 -4.96 -28.36
C ARG B 250 -5.02 -3.70 -27.63
N LYS B 251 -6.06 -3.05 -28.13
CA LYS B 251 -6.46 -1.74 -27.66
C LYS B 251 -7.70 -1.83 -26.78
N LEU B 252 -7.80 -0.90 -25.85
CA LEU B 252 -8.92 -0.71 -24.93
C LEU B 252 -9.98 0.19 -25.56
N PRO B 253 -11.24 0.05 -25.17
CA PRO B 253 -12.25 1.03 -25.56
C PRO B 253 -11.84 2.42 -25.12
N PRO B 254 -12.08 3.44 -25.95
CA PRO B 254 -11.50 4.78 -25.68
C PRO B 254 -11.85 5.34 -24.31
N PHE B 255 -12.98 4.95 -23.73
CA PHE B 255 -13.31 5.41 -22.38
C PHE B 255 -12.28 4.91 -21.37
N LEU B 256 -11.89 3.63 -21.48
CA LEU B 256 -10.88 3.09 -20.58
C LEU B 256 -9.49 3.64 -20.89
N GLU B 257 -9.21 3.90 -22.17
CA GLU B 257 -7.91 4.46 -22.55
C GLU B 257 -7.69 5.82 -21.92
N GLU B 258 -8.74 6.65 -21.86
CA GLU B 258 -8.59 7.99 -21.30
C GLU B 258 -8.49 7.95 -19.78
N ILE B 259 -9.26 7.08 -19.14
CA ILE B 259 -9.29 7.06 -17.68
C ILE B 259 -8.08 6.33 -17.12
N TRP B 260 -7.47 5.42 -17.87
CA TRP B 260 -6.30 4.67 -17.42
C TRP B 260 -5.01 5.17 -18.08
N ASP B 261 -5.06 6.35 -18.69
CA ASP B 261 -3.88 7.14 -19.05
C ASP B 261 -2.90 6.33 -19.89
N VAL B 262 -3.35 5.99 -21.10
CA VAL B 262 -2.54 5.23 -22.05
C VAL B 262 -1.30 6.03 -22.42
#